data_5O5W
#
_entry.id   5O5W
#
_cell.length_a   117.350
_cell.length_b   117.350
_cell.length_c   233.350
_cell.angle_alpha   90.00
_cell.angle_beta   90.00
_cell.angle_gamma   120.00
#
_symmetry.space_group_name_H-M   'P 63 2 2'
#
loop_
_entity.id
_entity.type
_entity.pdbx_description
1 polymer 'Molybdenum storage protein subunit alpha'
2 polymer 'Molybdenum storage protein subunit beta'
3 non-polymer "ADENOSINE-5'-TRIPHOSPHATE"
4 non-polymer 'MAGNESIUM ION'
5 non-polymer 'bis(mu4-oxo)-tetrakis(mu3-oxo)-hexakis(mu2-oxo)-hexadecaoxo-octamolybdenum (VI)'
6 non-polymer '(mu3-oxo)-tris(mu2-oxo)-nonakisoxo-trimolybdenum (VI)'
7 non-polymer 'MOLYBDENUM ATOM'
8 water water
#
loop_
_entity_poly.entity_id
_entity_poly.type
_entity_poly.pdbx_seq_one_letter_code
_entity_poly.pdbx_strand_id
1 'polypeptide(L)'
;MTDTTNSIKHVISPLARQTLQDRDLTRPVAGKRPIRLLPWLQVVKIGGRVMDRGADAILPLVEELRKLLPEHRLLILTGA
GVRARHVFSVGLDLGLPVGSLAPLAASEAGQNGHILAAMLASEGVSYVEHPTVADQLAIHLSATRAVVGSAFPPYHHHEF
PGSRIPPHRADTGAFLLADAFGAAGLTIVENVDGIYTADPNGPDRGQARFLPETSATDLAKSEGPLPVDRALLDVMATAR
HIERVQVVNGLVPGRLTAALRGEHVGTLIRTGVRPA
;
A
2 'polypeptide(L)'
;MANSTAELEELLMQRSLTDPQLQAAAAAAADFRILPDATVIKIGGQSVIDRGRAAVYPLVDEIVAARKNHKLLIGTGAGT
RARHLYSIAAGLGLPAGVLAQLGSSVADQNAAMLGQLLAKHGIPVVGGAGLSAVPLSLAEVNAVVFSGMPPYKLWMRPAA
EGVIPPYRTDAGCFLLAEQFGCKQMIFVKDEDGLYTANPKTSKDATFIPRISVDEMKAKGLHDSILEFPVLDLLQSAQHV
REVQVVNGLVPGNLTRALAGEHVGTIITAS
;
B
#
loop_
_chem_comp.id
_chem_comp.type
_chem_comp.name
_chem_comp.formula
8M0 non-polymer 'bis(mu4-oxo)-tetrakis(mu3-oxo)-hexakis(mu2-oxo)-hexadecaoxo-octamolybdenum (VI)' 'Mo8 O28 -8'
ATP non-polymer ADENOSINE-5'-TRIPHOSPHATE 'C10 H16 N5 O13 P3'
M10 non-polymer '(mu3-oxo)-tris(mu2-oxo)-nonakisoxo-trimolybdenum (VI)' 'Mo3 O13 -8'
MG non-polymer 'MAGNESIUM ION' 'Mg 2'
MO non-polymer 'MOLYBDENUM ATOM' Mo
#
# COMPACT_ATOMS: atom_id res chain seq x y z
N ARG A 33 8.29 14.64 16.42
CA ARG A 33 7.47 14.88 15.23
C ARG A 33 8.34 14.99 13.96
N PRO A 34 8.01 14.30 12.83
CA PRO A 34 8.85 14.46 11.62
C PRO A 34 8.74 15.88 11.06
N ILE A 35 9.77 16.33 10.34
CA ILE A 35 9.76 17.67 9.73
C ILE A 35 8.78 17.76 8.56
N ARG A 36 8.36 18.99 8.20
CA ARG A 36 7.51 19.25 7.05
C ARG A 36 8.47 19.43 5.88
N LEU A 37 8.36 18.61 4.83
CA LEU A 37 9.25 18.72 3.68
C LEU A 37 8.88 19.89 2.78
N LEU A 38 7.58 20.09 2.51
CA LEU A 38 7.09 21.14 1.59
C LEU A 38 5.95 21.84 2.34
N PRO A 39 6.29 22.67 3.36
CA PRO A 39 5.23 23.27 4.18
C PRO A 39 4.33 24.23 3.45
N TRP A 40 4.78 24.75 2.32
CA TRP A 40 4.04 25.75 1.54
C TRP A 40 3.13 25.18 0.50
N LEU A 41 3.10 23.85 0.37
CA LEU A 41 2.32 23.14 -0.64
C LEU A 41 0.84 23.04 -0.27
N GLN A 42 -0.06 23.22 -1.24
CA GLN A 42 -1.50 22.96 -1.09
C GLN A 42 -1.81 21.77 -2.00
N VAL A 43 -2.44 20.73 -1.45
CA VAL A 43 -2.79 19.53 -2.24
C VAL A 43 -4.29 19.57 -2.47
N VAL A 44 -4.72 19.29 -3.69
CA VAL A 44 -6.15 19.28 -4.01
C VAL A 44 -6.41 17.93 -4.68
N LYS A 45 -7.42 17.19 -4.23
CA LYS A 45 -7.76 15.91 -4.86
C LYS A 45 -9.08 16.16 -5.57
N ILE A 46 -9.16 15.87 -6.88
CA ILE A 46 -10.39 16.07 -7.66
C ILE A 46 -10.98 14.67 -7.83
N GLY A 47 -12.22 14.48 -7.41
CA GLY A 47 -12.88 13.19 -7.51
C GLY A 47 -13.04 12.75 -8.94
N GLY A 48 -12.85 11.45 -9.16
CA GLY A 48 -13.00 10.91 -10.50
C GLY A 48 -14.41 11.11 -11.04
N ARG A 49 -15.43 11.13 -10.16
CA ARG A 49 -16.83 11.32 -10.60
C ARG A 49 -17.11 12.75 -11.05
N VAL A 50 -16.30 13.72 -10.63
CA VAL A 50 -16.40 15.08 -11.09
C VAL A 50 -15.93 15.11 -12.55
N MET A 51 -14.80 14.42 -12.84
CA MET A 51 -14.23 14.34 -14.19
C MET A 51 -15.20 13.61 -15.12
N ASP A 52 -15.89 12.57 -14.60
CA ASP A 52 -16.85 11.76 -15.38
C ASP A 52 -17.99 12.60 -15.95
N ARG A 53 -18.26 13.77 -15.37
CA ARG A 53 -19.31 14.64 -15.92
C ARG A 53 -18.89 15.33 -17.22
N GLY A 54 -17.61 15.24 -17.59
CA GLY A 54 -17.13 15.82 -18.84
C GLY A 54 -17.10 17.34 -18.81
N ALA A 55 -17.06 17.94 -20.01
CA ALA A 55 -16.94 19.39 -20.24
C ALA A 55 -17.82 20.27 -19.36
N ASP A 56 -19.08 19.87 -19.09
CA ASP A 56 -19.98 20.67 -18.24
C ASP A 56 -19.44 20.94 -16.85
N ALA A 57 -18.68 20.00 -16.30
CA ALA A 57 -18.08 20.14 -14.97
C ALA A 57 -16.60 20.54 -15.06
N ILE A 58 -15.86 19.99 -16.04
CA ILE A 58 -14.41 20.22 -16.18
C ILE A 58 -14.10 21.65 -16.59
N LEU A 59 -14.79 22.20 -17.62
CA LEU A 59 -14.47 23.57 -18.06
C LEU A 59 -14.59 24.63 -16.95
N PRO A 60 -15.69 24.71 -16.13
CA PRO A 60 -15.70 25.70 -15.03
C PRO A 60 -14.63 25.41 -13.98
N LEU A 61 -14.32 24.14 -13.71
CA LEU A 61 -13.29 23.79 -12.74
C LEU A 61 -11.91 24.23 -13.27
N VAL A 62 -11.65 24.01 -14.56
CA VAL A 62 -10.38 24.43 -15.17
C VAL A 62 -10.23 25.95 -15.06
N GLU A 63 -11.33 26.68 -15.35
CA GLU A 63 -11.31 28.13 -15.28
C GLU A 63 -11.03 28.59 -13.84
N GLU A 64 -11.59 27.90 -12.85
CA GLU A 64 -11.35 28.27 -11.46
C GLU A 64 -9.89 27.94 -11.07
N LEU A 65 -9.38 26.81 -11.54
CA LEU A 65 -8.00 26.42 -11.27
C LEU A 65 -7.01 27.42 -11.86
N ARG A 66 -7.26 27.89 -13.11
CA ARG A 66 -6.41 28.89 -13.77
C ARG A 66 -6.24 30.12 -12.89
N LYS A 67 -7.33 30.58 -12.28
CA LYS A 67 -7.33 31.78 -11.44
C LYS A 67 -6.60 31.55 -10.11
N LEU A 68 -6.50 30.29 -9.67
CA LEU A 68 -5.82 29.91 -8.43
C LEU A 68 -4.32 29.78 -8.59
N LEU A 69 -3.85 29.50 -9.81
CA LEU A 69 -2.41 29.32 -10.08
C LEU A 69 -1.56 30.43 -9.49
N PRO A 70 -1.86 31.75 -9.67
CA PRO A 70 -0.96 32.76 -9.08
C PRO A 70 -1.03 32.87 -7.57
N GLU A 71 -2.03 32.24 -6.95
CA GLU A 71 -2.26 32.37 -5.51
C GLU A 71 -1.60 31.29 -4.68
N HIS A 72 -1.51 30.06 -5.23
CA HIS A 72 -0.99 28.93 -4.43
C HIS A 72 0.00 28.13 -5.23
N ARG A 73 0.72 27.21 -4.56
CA ARG A 73 1.65 26.27 -5.21
C ARG A 73 0.83 25.01 -5.06
N LEU A 74 0.37 24.41 -6.14
CA LEU A 74 -0.55 23.31 -6.03
C LEU A 74 -0.07 21.99 -6.52
N LEU A 75 -0.40 20.93 -5.79
CA LEU A 75 -0.25 19.58 -6.30
C LEU A 75 -1.71 19.13 -6.52
N ILE A 76 -2.14 18.94 -7.77
CA ILE A 76 -3.52 18.54 -8.09
C ILE A 76 -3.54 17.06 -8.35
N LEU A 77 -4.32 16.29 -7.60
CA LEU A 77 -4.31 14.84 -7.76
C LEU A 77 -5.71 14.37 -8.20
N THR A 78 -5.79 13.49 -9.21
CA THR A 78 -7.10 13.07 -9.67
C THR A 78 -7.46 11.69 -9.20
N GLY A 79 -8.75 11.51 -8.94
CA GLY A 79 -9.34 10.21 -8.64
C GLY A 79 -9.69 9.43 -9.90
N ALA A 80 -10.30 8.27 -9.70
CA ALA A 80 -10.58 7.28 -10.76
C ALA A 80 -11.99 7.38 -11.38
N GLY A 81 -13.03 7.44 -10.56
CA GLY A 81 -14.39 7.55 -11.08
C GLY A 81 -14.95 6.23 -11.61
N VAL A 82 -15.98 6.32 -12.47
CA VAL A 82 -16.76 5.20 -12.99
C VAL A 82 -15.93 4.16 -13.76
N ARG A 83 -14.92 4.54 -14.53
CA ARG A 83 -14.18 3.53 -15.29
C ARG A 83 -13.50 2.49 -14.38
N ALA A 84 -13.12 2.88 -13.15
CA ALA A 84 -12.54 1.92 -12.20
C ALA A 84 -13.63 0.91 -11.81
N ARG A 85 -14.93 1.31 -11.79
CA ARG A 85 -16.02 0.38 -11.45
C ARG A 85 -16.17 -0.63 -12.54
N HIS A 86 -16.01 -0.21 -13.81
CA HIS A 86 -16.11 -1.13 -14.91
C HIS A 86 -14.95 -2.11 -14.85
N VAL A 87 -13.72 -1.64 -14.57
CA VAL A 87 -12.61 -2.59 -14.56
C VAL A 87 -12.73 -3.54 -13.33
N PHE A 88 -13.32 -3.05 -12.20
CA PHE A 88 -13.57 -3.93 -11.04
C PHE A 88 -14.61 -4.99 -11.40
N SER A 89 -15.62 -4.61 -12.17
CA SER A 89 -16.68 -5.52 -12.60
C SER A 89 -16.11 -6.67 -13.45
N VAL A 90 -15.27 -6.35 -14.45
CA VAL A 90 -14.61 -7.34 -15.31
C VAL A 90 -13.63 -8.16 -14.50
N GLY A 91 -12.77 -7.47 -13.73
CA GLY A 91 -11.73 -8.11 -12.91
C GLY A 91 -12.27 -9.06 -11.87
N LEU A 92 -13.35 -8.69 -11.20
CA LEU A 92 -13.98 -9.56 -10.19
C LEU A 92 -14.66 -10.73 -10.86
N ASP A 93 -15.22 -10.51 -12.06
CA ASP A 93 -15.85 -11.59 -12.80
C ASP A 93 -14.80 -12.63 -13.19
N LEU A 94 -13.57 -12.20 -13.47
CA LEU A 94 -12.46 -13.11 -13.80
C LEU A 94 -11.82 -13.73 -12.53
N GLY A 95 -12.28 -13.32 -11.35
CA GLY A 95 -11.80 -13.84 -10.08
C GLY A 95 -10.49 -13.27 -9.60
N LEU A 96 -10.05 -12.13 -10.20
CA LEU A 96 -8.75 -11.55 -9.88
C LEU A 96 -8.64 -11.03 -8.44
N PRO A 97 -7.49 -11.24 -7.77
CA PRO A 97 -7.34 -10.76 -6.38
C PRO A 97 -7.26 -9.23 -6.24
N VAL A 98 -7.31 -8.73 -5.00
CA VAL A 98 -7.35 -7.31 -4.71
C VAL A 98 -6.09 -6.59 -5.22
N GLY A 99 -4.92 -7.25 -5.13
CA GLY A 99 -3.67 -6.70 -5.62
C GLY A 99 -3.64 -6.60 -7.14
N SER A 100 -4.48 -7.39 -7.84
CA SER A 100 -4.56 -7.27 -9.31
C SER A 100 -5.43 -6.06 -9.69
N LEU A 101 -6.50 -5.83 -8.93
CA LEU A 101 -7.41 -4.73 -9.20
C LEU A 101 -6.85 -3.36 -8.90
N ALA A 102 -6.02 -3.23 -7.84
CA ALA A 102 -5.48 -1.93 -7.45
C ALA A 102 -4.79 -1.17 -8.58
N PRO A 103 -3.80 -1.75 -9.32
CA PRO A 103 -3.18 -0.96 -10.40
C PRO A 103 -4.12 -0.73 -11.57
N LEU A 104 -5.12 -1.59 -11.76
CA LEU A 104 -6.07 -1.38 -12.85
C LEU A 104 -6.94 -0.15 -12.63
N ALA A 105 -7.38 0.06 -11.37
CA ALA A 105 -8.17 1.23 -11.02
C ALA A 105 -7.28 2.44 -11.03
N ALA A 106 -6.03 2.31 -10.56
CA ALA A 106 -5.10 3.46 -10.49
C ALA A 106 -4.91 4.07 -11.89
N SER A 107 -4.90 3.21 -12.94
CA SER A 107 -4.74 3.63 -14.33
CA SER A 107 -4.72 3.67 -14.32
C SER A 107 -5.79 4.68 -14.70
N GLU A 108 -7.02 4.50 -14.20
CA GLU A 108 -8.13 5.44 -14.49
C GLU A 108 -7.91 6.81 -13.90
N ALA A 109 -7.33 6.89 -12.69
CA ALA A 109 -6.98 8.13 -12.02
C ALA A 109 -5.85 8.82 -12.80
N GLY A 110 -4.92 8.01 -13.31
CA GLY A 110 -3.82 8.55 -14.13
C GLY A 110 -4.36 9.16 -15.41
N GLN A 111 -5.37 8.51 -16.01
CA GLN A 111 -5.95 9.04 -17.26
C GLN A 111 -6.70 10.32 -17.01
N ASN A 112 -7.43 10.43 -15.88
CA ASN A 112 -8.10 11.69 -15.54
C ASN A 112 -7.08 12.79 -15.36
N GLY A 113 -5.91 12.47 -14.80
CA GLY A 113 -4.84 13.44 -14.57
C GLY A 113 -4.26 13.93 -15.87
N HIS A 114 -4.11 13.05 -16.88
CA HIS A 114 -3.62 13.50 -18.19
C HIS A 114 -4.66 14.42 -18.85
N ILE A 115 -5.94 14.13 -18.66
CA ILE A 115 -6.97 14.98 -19.29
C ILE A 115 -6.94 16.38 -18.65
N LEU A 116 -6.90 16.44 -17.31
CA LEU A 116 -6.87 17.72 -16.60
C LEU A 116 -5.62 18.52 -16.93
N ALA A 117 -4.46 17.85 -16.97
CA ALA A 117 -3.19 18.52 -17.26
C ALA A 117 -3.22 19.13 -18.66
N ALA A 118 -3.77 18.41 -19.66
CA ALA A 118 -3.85 18.91 -21.04
C ALA A 118 -4.65 20.21 -21.12
N MET A 119 -5.71 20.32 -20.30
CA MET A 119 -6.57 21.53 -20.24
C MET A 119 -5.82 22.73 -19.66
N LEU A 120 -4.80 22.48 -18.84
CA LEU A 120 -4.01 23.54 -18.20
C LEU A 120 -2.60 23.72 -18.78
N ALA A 121 -2.28 22.98 -19.83
CA ALA A 121 -0.96 23.01 -20.50
C ALA A 121 -0.54 24.43 -20.89
N SER A 122 -1.47 25.23 -21.43
CA SER A 122 -1.14 26.61 -21.82
C SER A 122 -0.67 27.48 -20.66
N GLU A 123 -0.96 27.08 -19.42
CA GLU A 123 -0.52 27.78 -18.19
C GLU A 123 0.79 27.21 -17.61
N GLY A 124 1.41 26.24 -18.27
CA GLY A 124 2.66 25.67 -17.78
C GLY A 124 2.48 24.46 -16.89
N VAL A 125 1.28 23.88 -16.88
CA VAL A 125 0.95 22.73 -16.04
C VAL A 125 1.06 21.44 -16.82
N SER A 126 1.67 20.42 -16.21
CA SER A 126 1.73 19.10 -16.83
C SER A 126 1.48 18.05 -15.80
N TYR A 127 1.24 16.82 -16.30
CA TYR A 127 1.10 15.64 -15.49
C TYR A 127 2.52 15.15 -15.14
N VAL A 128 2.76 14.75 -13.88
CA VAL A 128 4.05 14.20 -13.47
C VAL A 128 3.78 12.80 -12.95
N GLU A 129 4.73 11.88 -13.18
CA GLU A 129 4.57 10.50 -12.72
C GLU A 129 4.85 10.35 -11.22
N HIS A 130 4.36 9.25 -10.60
CA HIS A 130 4.56 8.95 -9.17
C HIS A 130 6.04 9.03 -8.76
N PRO A 131 7.03 8.48 -9.50
CA PRO A 131 8.43 8.63 -9.04
C PRO A 131 8.85 10.10 -8.96
N THR A 132 8.35 10.93 -9.90
CA THR A 132 8.66 12.38 -9.91
C THR A 132 7.98 13.07 -8.71
N VAL A 133 6.73 12.73 -8.41
CA VAL A 133 6.03 13.31 -7.25
C VAL A 133 6.78 12.92 -5.97
N ALA A 134 7.20 11.67 -5.89
CA ALA A 134 7.87 11.18 -4.68
C ALA A 134 9.24 11.80 -4.42
N ASP A 135 10.06 12.00 -5.48
CA ASP A 135 11.44 12.48 -5.31
C ASP A 135 11.78 13.85 -5.87
N GLN A 136 10.95 14.39 -6.77
CA GLN A 136 11.32 15.65 -7.43
C GLN A 136 10.23 16.67 -7.45
N LEU A 137 9.26 16.59 -6.55
CA LEU A 137 8.20 17.59 -6.60
C LEU A 137 8.74 19.02 -6.43
N ALA A 138 9.72 19.20 -5.53
CA ALA A 138 10.25 20.56 -5.23
C ALA A 138 10.78 21.26 -6.45
N ILE A 139 11.57 20.57 -7.27
CA ILE A 139 12.08 21.19 -8.49
C ILE A 139 10.93 21.50 -9.48
N HIS A 140 9.93 20.60 -9.58
CA HIS A 140 8.85 20.82 -10.53
C HIS A 140 8.01 21.99 -10.10
N LEU A 141 7.87 22.21 -8.78
CA LEU A 141 7.05 23.35 -8.33
C LEU A 141 7.84 24.62 -8.25
N SER A 142 9.11 24.56 -8.63
CA SER A 142 9.93 25.75 -8.70
CA SER A 142 9.97 25.73 -8.69
C SER A 142 9.85 26.27 -10.13
N ALA A 143 9.68 25.36 -11.09
CA ALA A 143 9.58 25.67 -12.53
C ALA A 143 8.23 26.25 -12.87
N THR A 144 7.17 25.74 -12.25
CA THR A 144 5.81 26.10 -12.58
C THR A 144 4.96 26.16 -11.33
N ARG A 145 3.75 26.69 -11.47
CA ARG A 145 2.87 26.91 -10.32
C ARG A 145 2.10 25.68 -9.87
N ALA A 146 1.81 24.73 -10.78
CA ALA A 146 1.08 23.55 -10.36
C ALA A 146 1.45 22.38 -11.22
N VAL A 147 1.26 21.17 -10.71
CA VAL A 147 1.46 19.94 -11.47
C VAL A 147 0.27 19.06 -11.15
N VAL A 148 -0.01 18.08 -12.00
CA VAL A 148 -1.11 17.16 -11.82
C VAL A 148 -0.50 15.78 -11.68
N GLY A 149 -1.07 14.98 -10.81
CA GLY A 149 -0.65 13.58 -10.66
C GLY A 149 -1.83 12.66 -10.36
N SER A 150 -1.58 11.36 -10.34
CA SER A 150 -2.62 10.39 -10.01
C SER A 150 -2.70 10.34 -8.48
N ALA A 151 -3.90 10.41 -7.93
CA ALA A 151 -4.06 10.39 -6.48
C ALA A 151 -3.88 8.99 -5.95
N PHE A 152 -3.99 7.97 -6.81
CA PHE A 152 -3.83 6.61 -6.29
C PHE A 152 -2.43 6.34 -5.77
N PRO A 153 -2.28 5.66 -4.61
CA PRO A 153 -0.93 5.34 -4.13
C PRO A 153 -0.41 4.10 -4.85
N PRO A 154 0.91 3.95 -5.03
CA PRO A 154 1.43 2.80 -5.77
C PRO A 154 1.54 1.54 -4.92
N TYR A 155 0.41 1.08 -4.34
CA TYR A 155 0.38 -0.14 -3.54
C TYR A 155 0.44 -1.35 -4.46
N HIS A 156 -0.23 -1.25 -5.63
CA HIS A 156 -0.19 -2.26 -6.70
C HIS A 156 -0.48 -3.65 -6.24
N HIS A 157 0.39 -4.60 -6.57
CA HIS A 157 0.18 -5.98 -6.14
C HIS A 157 0.45 -6.20 -4.68
N HIS A 158 0.96 -5.17 -3.98
CA HIS A 158 1.18 -5.26 -2.53
C HIS A 158 0.06 -4.60 -1.77
N GLU A 159 -1.12 -4.57 -2.36
CA GLU A 159 -2.30 -4.01 -1.69
C GLU A 159 -2.66 -4.97 -0.52
N PHE A 160 -3.26 -4.44 0.54
CA PHE A 160 -3.61 -5.24 1.71
C PHE A 160 -4.77 -6.17 1.39
N PRO A 161 -4.77 -7.40 1.93
CA PRO A 161 -5.91 -8.29 1.67
C PRO A 161 -7.04 -8.03 2.68
N GLY A 162 -8.20 -8.61 2.46
CA GLY A 162 -9.32 -8.44 3.38
C GLY A 162 -10.58 -8.16 2.61
N SER A 163 -10.55 -7.13 1.79
CA SER A 163 -11.69 -6.81 0.94
C SER A 163 -11.30 -7.18 -0.48
N ARG A 164 -12.29 -7.45 -1.33
CA ARG A 164 -12.04 -7.73 -2.74
C ARG A 164 -11.92 -6.39 -3.51
N ILE A 165 -12.24 -5.28 -2.85
CA ILE A 165 -12.14 -3.92 -3.41
C ILE A 165 -10.88 -3.29 -2.82
N PRO A 166 -9.94 -2.78 -3.64
CA PRO A 166 -8.72 -2.18 -3.08
C PRO A 166 -9.01 -1.11 -2.05
N PRO A 167 -8.52 -1.23 -0.80
CA PRO A 167 -8.82 -0.19 0.19
C PRO A 167 -8.07 1.12 0.03
N HIS A 168 -6.84 1.11 -0.51
CA HIS A 168 -6.04 2.36 -0.56
C HIS A 168 -6.24 3.07 -1.86
N ARG A 169 -7.26 3.91 -1.93
CA ARG A 169 -7.60 4.53 -3.18
C ARG A 169 -7.16 6.01 -3.24
N ALA A 170 -7.85 6.82 -4.00
CA ALA A 170 -7.46 8.18 -4.29
C ALA A 170 -7.45 9.13 -3.09
N ASP A 171 -8.49 9.09 -2.20
CA ASP A 171 -8.52 9.98 -1.02
C ASP A 171 -7.38 9.62 -0.12
N THR A 172 -7.16 8.30 0.07
CA THR A 172 -6.09 7.80 0.94
C THR A 172 -4.74 8.20 0.39
N GLY A 173 -4.52 7.99 -0.92
CA GLY A 173 -3.22 8.33 -1.51
C GLY A 173 -2.93 9.81 -1.38
N ALA A 174 -3.93 10.66 -1.65
CA ALA A 174 -3.76 12.12 -1.54
C ALA A 174 -3.43 12.53 -0.12
N PHE A 175 -4.06 11.90 0.88
CA PHE A 175 -3.79 12.23 2.28
C PHE A 175 -2.40 11.77 2.71
N LEU A 176 -2.01 10.55 2.36
CA LEU A 176 -0.68 10.03 2.71
C LEU A 176 0.41 10.96 2.21
N LEU A 177 0.30 11.42 0.96
CA LEU A 177 1.24 12.38 0.38
C LEU A 177 1.20 13.69 1.10
N ALA A 178 0.00 14.26 1.29
CA ALA A 178 -0.14 15.57 1.96
C ALA A 178 0.47 15.52 3.34
N ASP A 179 0.20 14.45 4.08
CA ASP A 179 0.77 14.39 5.43
C ASP A 179 2.28 14.09 5.42
N ALA A 180 2.77 13.25 4.48
CA ALA A 180 4.21 12.97 4.40
C ALA A 180 4.99 14.24 4.08
N PHE A 181 4.45 15.10 3.20
CA PHE A 181 5.12 16.36 2.84
C PHE A 181 4.98 17.43 3.90
N GLY A 182 4.01 17.29 4.80
CA GLY A 182 3.74 18.33 5.79
C GLY A 182 3.12 19.52 5.09
N ALA A 183 2.25 19.26 4.09
CA ALA A 183 1.61 20.28 3.26
C ALA A 183 0.75 21.24 4.06
N ALA A 184 0.52 22.46 3.52
CA ALA A 184 -0.28 23.48 4.20
C ALA A 184 -1.73 23.04 4.30
N GLY A 185 -2.20 22.23 3.36
CA GLY A 185 -3.55 21.72 3.40
C GLY A 185 -3.86 20.64 2.40
N LEU A 186 -5.01 20.01 2.58
CA LEU A 186 -5.53 19.02 1.66
C LEU A 186 -7.00 19.31 1.46
N THR A 187 -7.45 19.55 0.23
CA THR A 187 -8.87 19.78 -0.02
C THR A 187 -9.36 18.68 -0.93
N ILE A 188 -10.49 18.07 -0.59
CA ILE A 188 -11.07 17.01 -1.43
C ILE A 188 -12.25 17.61 -2.16
N VAL A 189 -12.21 17.51 -3.48
CA VAL A 189 -13.23 18.11 -4.35
C VAL A 189 -14.14 17.01 -4.87
N GLU A 190 -15.40 17.01 -4.41
CA GLU A 190 -16.38 15.97 -4.73
C GLU A 190 -17.55 16.50 -5.57
N ASN A 191 -18.48 15.60 -5.95
CA ASN A 191 -19.66 15.98 -6.74
C ASN A 191 -20.87 16.25 -5.82
N VAL A 192 -20.62 16.29 -4.48
CA VAL A 192 -21.61 16.55 -3.42
C VAL A 192 -21.09 17.64 -2.51
N ASP A 193 -21.97 18.25 -1.71
CA ASP A 193 -21.61 19.35 -0.81
C ASP A 193 -20.63 18.99 0.29
N GLY A 194 -20.64 17.74 0.70
CA GLY A 194 -19.79 17.27 1.78
C GLY A 194 -20.25 15.90 2.23
N ILE A 195 -20.03 15.58 3.49
CA ILE A 195 -20.46 14.30 4.05
C ILE A 195 -21.86 14.44 4.65
N TYR A 196 -22.76 13.52 4.30
CA TYR A 196 -24.12 13.42 4.84
C TYR A 196 -24.19 12.17 5.73
N THR A 197 -25.25 12.06 6.57
CA THR A 197 -25.50 10.92 7.48
C THR A 197 -25.85 9.64 6.68
N ALA A 198 -26.22 9.81 5.40
CA ALA A 198 -26.53 8.74 4.45
C ALA A 198 -26.24 9.25 3.01
N ASP A 199 -26.14 8.32 2.04
CA ASP A 199 -25.89 8.65 0.65
C ASP A 199 -26.99 9.57 0.08
N PRO A 200 -26.66 10.84 -0.28
CA PRO A 200 -27.69 11.76 -0.80
C PRO A 200 -28.23 11.43 -2.20
N ASN A 201 -27.69 10.37 -2.81
CA ASN A 201 -28.10 9.90 -4.12
C ASN A 201 -28.54 8.44 -4.02
N GLY A 202 -28.57 7.91 -2.80
CA GLY A 202 -28.94 6.53 -2.51
C GLY A 202 -30.39 6.32 -2.12
N PRO A 203 -30.79 5.09 -1.70
CA PRO A 203 -32.20 4.85 -1.33
C PRO A 203 -32.69 5.67 -0.15
N ASP A 204 -31.80 5.97 0.82
CA ASP A 204 -32.12 6.73 2.02
C ASP A 204 -31.98 8.26 1.88
N ARG A 205 -32.11 8.80 0.64
CA ARG A 205 -32.04 10.24 0.28
C ARG A 205 -32.67 11.18 1.32
N GLY A 206 -33.90 10.85 1.74
CA GLY A 206 -34.68 11.62 2.70
C GLY A 206 -34.14 11.67 4.12
N GLN A 207 -33.36 10.65 4.53
CA GLN A 207 -32.76 10.60 5.86
C GLN A 207 -31.37 11.29 5.90
N ALA A 208 -30.85 11.71 4.72
CA ALA A 208 -29.52 12.31 4.61
C ALA A 208 -29.42 13.75 5.12
N ARG A 209 -28.76 13.91 6.28
CA ARG A 209 -28.51 15.19 6.93
C ARG A 209 -27.03 15.58 6.70
N PHE A 210 -26.80 16.82 6.23
CA PHE A 210 -25.47 17.34 5.99
C PHE A 210 -24.68 17.52 7.27
N LEU A 211 -23.41 17.09 7.28
CA LEU A 211 -22.52 17.29 8.43
C LEU A 211 -21.53 18.41 8.13
N PRO A 212 -21.67 19.62 8.73
CA PRO A 212 -20.68 20.68 8.44
C PRO A 212 -19.29 20.37 9.01
N GLU A 213 -19.24 19.61 10.09
CA GLU A 213 -17.99 19.31 10.76
C GLU A 213 -18.07 17.94 11.40
N THR A 214 -16.98 17.20 11.30
CA THR A 214 -16.90 15.87 11.89
C THR A 214 -15.45 15.56 12.22
N SER A 215 -15.20 14.41 12.83
CA SER A 215 -13.85 13.96 13.17
C SER A 215 -13.65 12.59 12.51
N ALA A 216 -12.39 12.22 12.23
CA ALA A 216 -12.07 10.91 11.66
C ALA A 216 -12.61 9.79 12.56
N THR A 217 -12.42 9.90 13.89
CA THR A 217 -12.89 8.90 14.86
C THR A 217 -14.43 8.75 14.83
N ASP A 218 -15.17 9.85 14.72
CA ASP A 218 -16.64 9.79 14.66
C ASP A 218 -17.13 9.09 13.40
N LEU A 219 -16.50 9.35 12.24
CA LEU A 219 -16.91 8.71 10.99
C LEU A 219 -16.56 7.24 10.95
N ALA A 220 -15.43 6.85 11.58
CA ALA A 220 -14.93 5.48 11.63
C ALA A 220 -15.92 4.54 12.34
N LYS A 221 -16.57 5.04 13.42
CA LYS A 221 -17.54 4.31 14.22
C LYS A 221 -18.88 4.16 13.51
N SER A 222 -19.10 4.94 12.45
CA SER A 222 -20.34 4.86 11.70
C SER A 222 -20.32 3.70 10.70
N GLU A 223 -21.52 3.22 10.40
CA GLU A 223 -21.75 2.22 9.38
C GLU A 223 -22.28 3.06 8.22
N GLY A 224 -22.55 2.46 7.08
CA GLY A 224 -23.08 3.22 5.97
C GLY A 224 -22.00 3.76 5.07
N PRO A 225 -22.36 4.14 3.84
CA PRO A 225 -21.36 4.64 2.91
C PRO A 225 -20.88 6.05 3.25
N LEU A 226 -19.74 6.40 2.67
CA LEU A 226 -19.13 7.70 2.82
C LEU A 226 -18.69 8.12 1.44
N PRO A 227 -18.46 9.43 1.17
CA PRO A 227 -17.94 9.81 -0.15
C PRO A 227 -16.41 9.76 -0.15
N VAL A 228 -15.80 9.32 0.98
CA VAL A 228 -14.34 9.20 1.12
C VAL A 228 -13.99 7.74 1.47
N ASP A 229 -12.78 7.29 1.10
CA ASP A 229 -12.35 5.92 1.41
C ASP A 229 -12.39 5.71 2.92
N ARG A 230 -12.73 4.50 3.36
CA ARG A 230 -12.68 4.18 4.77
C ARG A 230 -11.24 4.18 5.27
N ALA A 231 -10.28 3.78 4.40
CA ALA A 231 -8.85 3.79 4.76
C ALA A 231 -8.35 5.20 5.06
N LEU A 232 -8.98 6.23 4.50
CA LEU A 232 -8.59 7.62 4.78
C LEU A 232 -8.72 7.89 6.30
N LEU A 233 -9.82 7.43 6.90
CA LEU A 233 -10.08 7.60 8.34
C LEU A 233 -9.03 6.93 9.18
N ASP A 234 -8.49 5.79 8.73
CA ASP A 234 -7.43 5.08 9.44
C ASP A 234 -6.11 5.82 9.38
N VAL A 235 -5.75 6.37 8.21
CA VAL A 235 -4.49 7.08 8.09
C VAL A 235 -4.57 8.44 8.79
N MET A 236 -5.77 9.03 8.88
CA MET A 236 -5.96 10.31 9.61
C MET A 236 -5.71 10.12 11.09
N ALA A 237 -5.98 8.91 11.62
CA ALA A 237 -5.75 8.59 13.04
C ALA A 237 -4.28 8.64 13.38
N THR A 238 -3.39 8.27 12.44
CA THR A 238 -1.95 8.28 12.70
C THR A 238 -1.25 9.49 12.03
N ALA A 239 -2.03 10.50 11.58
CA ALA A 239 -1.46 11.67 10.91
C ALA A 239 -0.49 12.44 11.80
N ARG A 240 0.53 13.05 11.19
CA ARG A 240 1.55 13.80 11.91
C ARG A 240 1.41 15.31 11.75
N HIS A 241 0.79 15.78 10.68
CA HIS A 241 0.75 17.23 10.42
C HIS A 241 -0.62 17.81 10.05
N ILE A 242 -1.36 17.17 9.13
CA ILE A 242 -2.65 17.69 8.65
C ILE A 242 -3.67 17.60 9.77
N GLU A 243 -4.17 18.76 10.23
CA GLU A 243 -5.15 18.84 11.31
C GLU A 243 -6.58 18.73 10.80
N ARG A 244 -6.81 19.20 9.58
CA ARG A 244 -8.14 19.18 9.00
C ARG A 244 -8.11 19.05 7.51
N VAL A 245 -9.14 18.42 6.98
CA VAL A 245 -9.35 18.20 5.58
C VAL A 245 -10.76 18.68 5.26
N GLN A 246 -10.95 19.39 4.17
CA GLN A 246 -12.29 19.83 3.81
C GLN A 246 -12.76 19.16 2.55
N VAL A 247 -14.01 18.67 2.56
CA VAL A 247 -14.65 18.05 1.41
C VAL A 247 -15.60 19.09 0.86
N VAL A 248 -15.40 19.50 -0.39
CA VAL A 248 -16.23 20.57 -0.99
C VAL A 248 -16.84 20.13 -2.29
N ASN A 249 -17.85 20.84 -2.75
CA ASN A 249 -18.52 20.51 -3.99
C ASN A 249 -17.83 21.24 -5.16
N GLY A 250 -17.15 20.47 -6.00
CA GLY A 250 -16.46 21.00 -7.18
C GLY A 250 -17.40 21.43 -8.29
N LEU A 251 -18.71 21.11 -8.16
CA LEU A 251 -19.72 21.50 -9.15
C LEU A 251 -20.26 22.91 -8.89
N VAL A 252 -19.89 23.52 -7.77
CA VAL A 252 -20.28 24.88 -7.43
C VAL A 252 -19.04 25.78 -7.55
N PRO A 253 -18.94 26.60 -8.63
CA PRO A 253 -17.76 27.47 -8.80
C PRO A 253 -17.54 28.41 -7.62
N GLY A 254 -16.30 28.53 -7.21
CA GLY A 254 -15.93 29.40 -6.11
C GLY A 254 -15.66 28.67 -4.81
N ARG A 255 -16.24 27.47 -4.64
CA ARG A 255 -16.04 26.72 -3.39
C ARG A 255 -14.62 26.27 -3.20
N LEU A 256 -13.96 25.86 -4.29
CA LEU A 256 -12.56 25.43 -4.19
C LEU A 256 -11.68 26.63 -3.81
N THR A 257 -11.91 27.80 -4.45
CA THR A 257 -11.19 29.03 -4.13
C THR A 257 -11.35 29.36 -2.65
N ALA A 258 -12.60 29.31 -2.16
CA ALA A 258 -12.90 29.62 -0.75
C ALA A 258 -12.24 28.63 0.19
N ALA A 259 -12.28 27.31 -0.13
CA ALA A 259 -11.71 26.27 0.73
C ALA A 259 -10.21 26.42 0.88
N LEU A 260 -9.54 26.82 -0.20
CA LEU A 260 -8.09 27.02 -0.20
C LEU A 260 -7.68 28.22 0.63
N ARG A 261 -8.65 29.12 0.94
CA ARG A 261 -8.44 30.29 1.79
C ARG A 261 -8.90 29.96 3.22
N GLY A 262 -9.26 28.70 3.48
CA GLY A 262 -9.66 28.28 4.82
C GLY A 262 -11.11 28.54 5.17
N GLU A 263 -11.92 29.01 4.21
CA GLU A 263 -13.35 29.24 4.47
C GLU A 263 -14.13 27.93 4.56
N HIS A 264 -15.14 27.89 5.43
CA HIS A 264 -15.94 26.70 5.69
C HIS A 264 -17.08 26.62 4.70
N VAL A 265 -16.88 25.88 3.59
CA VAL A 265 -17.86 25.78 2.50
C VAL A 265 -18.29 24.35 2.20
N GLY A 266 -17.85 23.41 3.02
CA GLY A 266 -18.18 21.99 2.88
C GLY A 266 -18.05 21.32 4.23
N THR A 267 -17.70 20.04 4.25
CA THR A 267 -17.48 19.31 5.51
C THR A 267 -16.02 19.37 5.91
N LEU A 268 -15.76 19.80 7.14
CA LEU A 268 -14.44 19.79 7.72
C LEU A 268 -14.28 18.50 8.49
N ILE A 269 -13.23 17.74 8.19
CA ILE A 269 -12.91 16.52 8.92
C ILE A 269 -11.69 16.80 9.77
N ARG A 270 -11.83 16.73 11.10
CA ARG A 270 -10.73 16.90 12.04
C ARG A 270 -10.00 15.55 12.08
N THR A 271 -8.68 15.58 11.99
CA THR A 271 -7.90 14.34 11.96
C THR A 271 -7.48 13.83 13.32
N GLY A 272 -7.51 14.66 14.34
CA GLY A 272 -7.05 14.21 15.63
C GLY A 272 -5.58 14.52 15.89
N VAL A 273 -5.00 15.38 15.02
CA VAL A 273 -3.66 15.93 15.19
C VAL A 273 -3.96 17.19 15.98
N ARG A 274 -3.48 17.28 17.22
CA ARG A 274 -3.74 18.47 18.03
C ARG A 274 -2.74 19.58 17.73
N PRO A 275 -3.20 20.84 17.53
CA PRO A 275 -2.24 21.93 17.29
C PRO A 275 -1.54 22.38 18.57
N ALA A 276 -0.58 23.32 18.46
CA ALA A 276 0.16 23.87 19.60
C ALA A 276 -0.75 24.75 20.48
N SER B 4 -26.43 -12.83 -8.35
CA SER B 4 -25.37 -13.21 -9.28
C SER B 4 -24.44 -12.02 -9.59
N THR B 5 -23.71 -12.08 -10.73
CA THR B 5 -22.81 -11.01 -11.17
C THR B 5 -23.59 -9.76 -11.61
N ALA B 6 -24.90 -9.94 -11.92
CA ALA B 6 -25.83 -8.88 -12.33
C ALA B 6 -26.08 -7.90 -11.19
N GLU B 7 -26.17 -8.40 -9.92
CA GLU B 7 -26.39 -7.54 -8.75
C GLU B 7 -25.13 -6.75 -8.42
N LEU B 8 -23.95 -7.41 -8.49
CA LEU B 8 -22.65 -6.82 -8.21
C LEU B 8 -22.34 -5.68 -9.19
N GLU B 9 -22.59 -5.89 -10.51
CA GLU B 9 -22.34 -4.90 -11.55
C GLU B 9 -23.22 -3.66 -11.37
N GLU B 10 -24.47 -3.86 -10.91
CA GLU B 10 -25.41 -2.77 -10.65
C GLU B 10 -24.94 -1.99 -9.44
N LEU B 11 -24.49 -2.69 -8.38
CA LEU B 11 -24.00 -2.05 -7.15
C LEU B 11 -22.70 -1.31 -7.40
N LEU B 12 -21.80 -1.86 -8.24
CA LEU B 12 -20.52 -1.24 -8.58
C LEU B 12 -20.73 0.07 -9.31
N MET B 13 -21.76 0.15 -10.13
CA MET B 13 -22.02 1.39 -10.85
C MET B 13 -22.65 2.47 -9.99
N GLN B 14 -23.68 2.11 -9.19
CA GLN B 14 -24.52 3.05 -8.44
C GLN B 14 -24.12 3.39 -7.00
N ARG B 15 -23.39 2.52 -6.29
CA ARG B 15 -23.04 2.77 -4.89
C ARG B 15 -21.62 3.22 -4.71
N SER B 16 -21.28 3.81 -3.56
CA SER B 16 -19.92 4.17 -3.24
C SER B 16 -19.20 2.86 -2.92
N LEU B 17 -17.87 2.81 -3.13
CA LEU B 17 -17.10 1.60 -2.84
C LEU B 17 -17.05 1.30 -1.33
N THR B 18 -17.42 2.28 -0.49
CA THR B 18 -17.44 2.13 0.97
C THR B 18 -18.78 1.49 1.42
N ASP B 19 -19.74 1.34 0.49
CA ASP B 19 -21.06 0.80 0.80
C ASP B 19 -20.96 -0.65 1.26
N PRO B 20 -21.52 -0.97 2.46
CA PRO B 20 -21.45 -2.36 2.97
C PRO B 20 -22.08 -3.41 2.08
N GLN B 21 -23.16 -3.04 1.37
CA GLN B 21 -23.87 -3.93 0.45
C GLN B 21 -22.96 -4.31 -0.72
N LEU B 22 -22.24 -3.32 -1.31
CA LEU B 22 -21.28 -3.53 -2.39
C LEU B 22 -20.13 -4.39 -1.90
N GLN B 23 -19.59 -4.08 -0.73
CA GLN B 23 -18.47 -4.84 -0.15
C GLN B 23 -18.84 -6.32 0.05
N ALA B 24 -20.07 -6.58 0.53
CA ALA B 24 -20.57 -7.94 0.74
C ALA B 24 -20.69 -8.68 -0.59
N ALA B 25 -21.25 -8.04 -1.62
CA ALA B 25 -21.39 -8.62 -2.96
C ALA B 25 -20.04 -8.92 -3.61
N ALA B 26 -19.05 -8.01 -3.49
CA ALA B 26 -17.70 -8.20 -4.06
C ALA B 26 -17.01 -9.39 -3.40
N ALA B 27 -17.31 -9.65 -2.12
CA ALA B 27 -16.73 -10.78 -1.37
C ALA B 27 -17.20 -12.15 -1.89
N ALA B 28 -18.29 -12.20 -2.69
CA ALA B 28 -18.87 -13.43 -3.24
C ALA B 28 -18.24 -13.81 -4.56
N ALA B 29 -17.37 -12.93 -5.12
CA ALA B 29 -16.73 -13.15 -6.42
C ALA B 29 -15.83 -14.36 -6.36
N ALA B 30 -15.62 -15.00 -7.50
CA ALA B 30 -14.73 -16.14 -7.63
C ALA B 30 -13.31 -15.77 -7.19
N ASP B 31 -12.53 -16.78 -6.85
CA ASP B 31 -11.18 -16.60 -6.37
C ASP B 31 -10.20 -17.29 -7.27
N PHE B 32 -9.42 -16.51 -8.01
CA PHE B 32 -8.41 -17.06 -8.91
C PHE B 32 -7.01 -16.96 -8.30
N ARG B 33 -6.28 -18.09 -8.27
CA ARG B 33 -4.90 -18.13 -7.76
C ARG B 33 -4.00 -18.01 -8.98
N ILE B 34 -3.15 -16.98 -9.02
CA ILE B 34 -2.29 -16.72 -10.18
C ILE B 34 -1.14 -17.69 -10.30
N LEU B 35 -0.48 -17.98 -9.18
CA LEU B 35 0.70 -18.86 -9.17
C LEU B 35 0.49 -19.89 -8.06
N PRO B 36 -0.48 -20.80 -8.17
CA PRO B 36 -0.81 -21.67 -7.03
C PRO B 36 0.27 -22.67 -6.60
N ASP B 37 1.17 -23.06 -7.50
CA ASP B 37 2.20 -24.06 -7.22
C ASP B 37 3.51 -23.51 -6.71
N ALA B 38 3.62 -22.19 -6.54
CA ALA B 38 4.87 -21.59 -6.12
C ALA B 38 4.97 -21.46 -4.64
N THR B 39 6.21 -21.47 -4.14
CA THR B 39 6.45 -21.22 -2.73
C THR B 39 7.23 -19.91 -2.65
N VAL B 40 6.85 -19.04 -1.71
CA VAL B 40 7.60 -17.81 -1.52
C VAL B 40 8.51 -18.00 -0.33
N ILE B 41 9.78 -17.67 -0.49
CA ILE B 41 10.74 -17.75 0.61
C ILE B 41 11.33 -16.37 0.83
N LYS B 42 11.51 -15.96 2.10
CA LYS B 42 12.22 -14.74 2.40
C LYS B 42 13.57 -15.10 3.01
N ILE B 43 14.65 -14.64 2.38
CA ILE B 43 16.01 -14.84 2.90
C ILE B 43 16.29 -13.58 3.73
N GLY B 44 16.45 -13.74 5.05
CA GLY B 44 16.70 -12.63 5.98
C GLY B 44 17.91 -11.80 5.62
N GLY B 45 17.78 -10.49 5.76
CA GLY B 45 18.87 -9.57 5.44
C GLY B 45 19.90 -9.57 6.54
N GLN B 46 19.49 -9.18 7.75
CA GLN B 46 20.37 -9.14 8.91
C GLN B 46 20.70 -10.56 9.38
N SER B 47 19.70 -11.43 9.34
CA SER B 47 19.81 -12.79 9.83
C SER B 47 20.60 -13.71 8.95
N VAL B 48 20.66 -13.45 7.61
CA VAL B 48 21.39 -14.35 6.72
C VAL B 48 22.39 -13.64 5.83
N ILE B 49 21.92 -12.79 4.89
CA ILE B 49 22.80 -12.19 3.88
C ILE B 49 23.96 -11.39 4.51
N ASP B 50 23.70 -10.62 5.57
CA ASP B 50 24.73 -9.85 6.27
C ASP B 50 25.84 -10.72 6.89
N ARG B 51 25.58 -12.03 7.08
CA ARG B 51 26.55 -12.95 7.67
C ARG B 51 27.58 -13.41 6.66
N GLY B 52 27.35 -13.13 5.39
CA GLY B 52 28.29 -13.46 4.34
C GLY B 52 28.33 -14.93 3.95
N ARG B 53 29.48 -15.35 3.39
CA ARG B 53 29.77 -16.68 2.81
C ARG B 53 29.28 -17.88 3.64
N ALA B 54 29.59 -17.91 4.95
CA ALA B 54 29.24 -19.02 5.86
C ALA B 54 27.73 -19.30 5.89
N ALA B 55 26.91 -18.25 5.70
CA ALA B 55 25.46 -18.41 5.71
C ALA B 55 24.89 -18.52 4.30
N VAL B 56 25.34 -17.67 3.38
CA VAL B 56 24.80 -17.58 2.02
C VAL B 56 25.14 -18.78 1.13
N TYR B 57 26.41 -19.19 1.09
CA TYR B 57 26.85 -20.29 0.21
C TYR B 57 26.08 -21.59 0.47
N PRO B 58 25.87 -22.07 1.72
CA PRO B 58 25.07 -23.31 1.88
C PRO B 58 23.63 -23.11 1.40
N LEU B 59 23.04 -21.92 1.60
CA LEU B 59 21.66 -21.67 1.15
C LEU B 59 21.51 -21.64 -0.35
N VAL B 60 22.52 -21.11 -1.04
CA VAL B 60 22.56 -21.09 -2.50
C VAL B 60 22.52 -22.53 -3.01
N ASP B 61 23.31 -23.43 -2.39
CA ASP B 61 23.28 -24.86 -2.77
C ASP B 61 21.92 -25.49 -2.54
N GLU B 62 21.25 -25.15 -1.42
CA GLU B 62 19.90 -25.68 -1.17
C GLU B 62 18.91 -25.19 -2.18
N ILE B 63 19.00 -23.90 -2.56
CA ILE B 63 18.09 -23.33 -3.55
C ILE B 63 18.25 -24.01 -4.90
N VAL B 64 19.50 -24.20 -5.33
CA VAL B 64 19.80 -24.87 -6.61
C VAL B 64 19.25 -26.29 -6.60
N ALA B 65 19.39 -27.02 -5.47
CA ALA B 65 18.85 -28.40 -5.37
C ALA B 65 17.34 -28.39 -5.30
N ALA B 66 16.76 -27.45 -4.54
CA ALA B 66 15.31 -27.40 -4.29
C ALA B 66 14.48 -27.05 -5.51
N ARG B 67 15.00 -26.17 -6.40
CA ARG B 67 14.25 -25.71 -7.59
C ARG B 67 13.97 -26.85 -8.58
N LYS B 68 14.68 -27.98 -8.45
CA LYS B 68 14.43 -29.15 -9.30
C LYS B 68 12.99 -29.66 -9.04
N ASN B 69 12.51 -29.58 -7.80
CA ASN B 69 11.18 -30.07 -7.44
C ASN B 69 10.18 -29.04 -6.94
N HIS B 70 10.62 -27.78 -6.71
CA HIS B 70 9.72 -26.76 -6.16
C HIS B 70 9.89 -25.47 -6.92
N LYS B 71 8.77 -24.79 -7.26
CA LYS B 71 8.84 -23.49 -7.95
C LYS B 71 9.04 -22.47 -6.85
N LEU B 72 10.12 -21.68 -6.90
CA LEU B 72 10.41 -20.77 -5.83
C LEU B 72 10.42 -19.31 -6.21
N LEU B 73 9.93 -18.45 -5.33
CA LEU B 73 10.05 -16.99 -5.47
C LEU B 73 10.83 -16.60 -4.23
N ILE B 74 12.09 -16.19 -4.43
CA ILE B 74 13.00 -15.90 -3.33
C ILE B 74 13.17 -14.39 -3.13
N GLY B 75 12.66 -13.90 -2.01
CA GLY B 75 12.73 -12.49 -1.66
C GLY B 75 13.85 -12.20 -0.70
N THR B 76 14.45 -11.03 -0.81
CA THR B 76 15.56 -10.71 0.09
C THR B 76 15.15 -9.71 1.12
N GLY B 77 15.76 -9.81 2.29
CA GLY B 77 15.60 -8.83 3.36
C GLY B 77 16.58 -7.70 3.14
N ALA B 78 16.61 -6.73 4.07
CA ALA B 78 17.46 -5.54 3.97
C ALA B 78 18.63 -5.61 4.97
N GLY B 79 18.33 -5.57 6.27
CA GLY B 79 19.38 -5.76 7.26
C GLY B 79 20.08 -4.53 7.77
N THR B 80 21.33 -4.71 8.19
CA THR B 80 22.08 -3.70 8.92
C THR B 80 22.31 -2.39 8.13
N ARG B 81 22.48 -2.42 6.79
CA ARG B 81 22.67 -1.12 6.10
C ARG B 81 21.41 -0.32 6.13
N ALA B 82 20.22 -0.97 6.15
CA ALA B 82 18.93 -0.28 6.23
C ALA B 82 18.76 0.31 7.63
N ARG B 83 19.17 -0.45 8.68
CA ARG B 83 19.12 0.09 10.04
C ARG B 83 20.00 1.32 10.19
N HIS B 84 21.16 1.35 9.52
CA HIS B 84 22.03 2.52 9.59
C HIS B 84 21.31 3.72 8.90
N LEU B 85 20.72 3.48 7.72
CA LEU B 85 19.98 4.55 6.99
C LEU B 85 18.80 5.06 7.83
N TYR B 86 18.07 4.15 8.45
CA TYR B 86 16.93 4.52 9.30
C TYR B 86 17.38 5.36 10.47
N SER B 87 18.54 5.07 11.10
CA SER B 87 18.93 5.90 12.25
C SER B 87 19.40 7.28 11.82
N ILE B 88 20.11 7.40 10.69
CA ILE B 88 20.53 8.70 10.18
C ILE B 88 19.28 9.54 9.85
N ALA B 89 18.35 8.97 9.06
CA ALA B 89 17.14 9.67 8.64
C ALA B 89 16.19 9.99 9.77
N ALA B 90 16.03 9.06 10.75
CA ALA B 90 15.16 9.31 11.92
C ALA B 90 15.69 10.46 12.75
N GLY B 91 17.01 10.55 12.87
CA GLY B 91 17.65 11.61 13.63
C GLY B 91 17.45 12.98 13.02
N LEU B 92 17.16 13.03 11.71
CA LEU B 92 16.89 14.27 10.99
C LEU B 92 15.41 14.59 11.01
N GLY B 93 14.60 13.66 11.48
CA GLY B 93 13.15 13.84 11.53
C GLY B 93 12.49 13.60 10.18
N LEU B 94 13.11 12.76 9.34
CA LEU B 94 12.51 12.46 8.05
C LEU B 94 11.37 11.48 8.22
N PRO B 95 10.26 11.64 7.48
CA PRO B 95 9.09 10.77 7.70
C PRO B 95 9.29 9.35 7.20
N ALA B 96 8.44 8.42 7.69
CA ALA B 96 8.45 6.99 7.32
C ALA B 96 8.51 6.77 5.81
N GLY B 97 7.84 7.65 5.06
CA GLY B 97 7.80 7.54 3.60
C GLY B 97 9.15 7.67 2.93
N VAL B 98 10.02 8.53 3.48
CA VAL B 98 11.38 8.72 2.97
C VAL B 98 12.23 7.51 3.38
N LEU B 99 12.12 7.08 4.64
CA LEU B 99 12.85 5.89 5.14
C LEU B 99 12.52 4.65 4.30
N ALA B 100 11.24 4.48 3.92
CA ALA B 100 10.83 3.32 3.09
C ALA B 100 11.60 3.24 1.78
N GLN B 101 11.83 4.41 1.13
CA GLN B 101 12.61 4.43 -0.12
C GLN B 101 14.05 4.06 0.15
N LEU B 102 14.62 4.53 1.28
CA LEU B 102 16.02 4.20 1.59
C LEU B 102 16.18 2.73 1.85
N GLY B 103 15.22 2.13 2.54
CA GLY B 103 15.26 0.71 2.84
C GLY B 103 15.20 -0.17 1.60
N SER B 104 14.44 0.25 0.58
CA SER B 104 14.34 -0.51 -0.68
C SER B 104 15.69 -0.68 -1.33
N SER B 105 16.53 0.34 -1.28
CA SER B 105 17.85 0.26 -1.92
C SER B 105 18.68 -0.86 -1.34
N VAL B 106 18.58 -1.07 0.00
CA VAL B 106 19.32 -2.12 0.69
C VAL B 106 18.83 -3.51 0.29
N ALA B 107 17.51 -3.72 0.24
CA ALA B 107 16.96 -5.00 -0.24
C ALA B 107 17.37 -5.26 -1.70
N ASP B 108 17.44 -4.20 -2.56
CA ASP B 108 17.89 -4.37 -3.97
C ASP B 108 19.34 -4.78 -4.00
N GLN B 109 20.20 -4.21 -3.13
CA GLN B 109 21.63 -4.61 -3.12
C GLN B 109 21.75 -6.11 -2.80
N ASN B 110 20.94 -6.57 -1.84
CA ASN B 110 20.96 -7.95 -1.37
C ASN B 110 20.46 -8.88 -2.45
N ALA B 111 19.43 -8.47 -3.19
CA ALA B 111 18.93 -9.29 -4.31
C ALA B 111 19.96 -9.39 -5.41
N ALA B 112 20.71 -8.31 -5.67
CA ALA B 112 21.78 -8.28 -6.68
C ALA B 112 22.90 -9.23 -6.34
N MET B 113 23.34 -9.24 -5.08
CA MET B 113 24.42 -10.15 -4.64
C MET B 113 24.00 -11.60 -4.74
N LEU B 114 22.78 -11.90 -4.30
CA LEU B 114 22.24 -13.26 -4.37
C LEU B 114 22.04 -13.67 -5.82
N GLY B 115 21.50 -12.78 -6.65
CA GLY B 115 21.34 -13.07 -8.08
C GLY B 115 22.63 -13.36 -8.81
N GLN B 116 23.71 -12.70 -8.43
CA GLN B 116 25.00 -12.96 -9.10
C GLN B 116 25.60 -14.31 -8.73
N LEU B 117 25.23 -14.84 -7.56
CA LEU B 117 25.71 -16.16 -7.18
C LEU B 117 24.86 -17.22 -7.87
N LEU B 118 23.63 -16.86 -8.27
CA LEU B 118 22.70 -17.81 -8.87
C LEU B 118 22.65 -17.73 -10.40
N ALA B 119 23.23 -16.69 -11.02
CA ALA B 119 23.17 -16.51 -12.47
C ALA B 119 23.62 -17.72 -13.28
N LYS B 120 24.74 -18.38 -12.89
CA LYS B 120 25.24 -19.57 -13.62
C LYS B 120 24.28 -20.75 -13.54
N HIS B 121 23.29 -20.72 -12.62
CA HIS B 121 22.30 -21.80 -12.49
C HIS B 121 21.00 -21.44 -13.20
N GLY B 122 21.00 -20.30 -13.88
CA GLY B 122 19.86 -19.81 -14.66
C GLY B 122 18.80 -19.04 -13.92
N ILE B 123 19.01 -18.73 -12.64
CA ILE B 123 18.01 -18.05 -11.82
C ILE B 123 18.17 -16.53 -11.92
N PRO B 124 17.18 -15.80 -12.48
CA PRO B 124 17.33 -14.35 -12.62
C PRO B 124 16.87 -13.54 -11.41
N VAL B 125 17.32 -12.29 -11.32
CA VAL B 125 16.84 -11.29 -10.37
C VAL B 125 15.76 -10.60 -11.20
N VAL B 126 14.55 -10.49 -10.69
CA VAL B 126 13.51 -9.87 -11.49
C VAL B 126 12.83 -8.76 -10.75
N GLY B 127 12.06 -8.01 -11.51
CA GLY B 127 11.07 -7.02 -11.10
C GLY B 127 9.76 -7.63 -11.59
N GLY B 128 8.80 -7.85 -10.68
CA GLY B 128 7.54 -8.46 -11.06
C GLY B 128 7.62 -9.97 -11.02
N ALA B 129 8.07 -10.51 -9.85
CA ALA B 129 8.27 -11.94 -9.60
C ALA B 129 7.05 -12.82 -9.88
N GLY B 130 5.91 -12.42 -9.33
CA GLY B 130 4.65 -13.15 -9.48
C GLY B 130 4.19 -13.30 -10.92
N LEU B 131 4.61 -12.39 -11.80
CA LEU B 131 4.24 -12.47 -13.20
C LEU B 131 5.41 -12.88 -14.08
N SER B 132 6.56 -13.30 -13.45
CA SER B 132 7.73 -13.77 -14.17
C SER B 132 7.45 -15.21 -14.58
N ALA B 133 6.50 -15.30 -15.50
CA ALA B 133 5.91 -16.49 -16.04
C ALA B 133 6.89 -17.38 -16.74
N VAL B 134 7.84 -16.80 -17.52
CA VAL B 134 8.78 -17.62 -18.29
C VAL B 134 9.75 -18.38 -17.36
N PRO B 135 10.53 -17.72 -16.47
CA PRO B 135 11.45 -18.48 -15.60
C PRO B 135 10.77 -19.49 -14.69
N LEU B 136 9.56 -19.16 -14.20
CA LEU B 136 8.82 -20.07 -13.34
C LEU B 136 8.20 -21.29 -14.06
N SER B 137 8.15 -21.31 -15.41
CA SER B 137 7.56 -22.42 -16.17
CA SER B 137 7.57 -22.44 -16.13
C SER B 137 8.61 -23.40 -16.72
N LEU B 138 9.87 -23.06 -16.59
CA LEU B 138 10.97 -23.89 -17.09
C LEU B 138 11.59 -24.73 -15.97
N ALA B 139 11.72 -26.05 -16.18
CA ALA B 139 12.32 -26.95 -15.21
C ALA B 139 13.79 -26.59 -14.93
N GLU B 140 14.49 -26.04 -15.95
CA GLU B 140 15.89 -25.61 -15.91
C GLU B 140 16.09 -24.37 -15.05
N VAL B 141 15.01 -23.61 -14.81
CA VAL B 141 15.00 -22.36 -14.05
C VAL B 141 14.15 -22.54 -12.79
N ASN B 142 12.81 -22.42 -12.86
CA ASN B 142 11.86 -22.68 -11.76
C ASN B 142 12.01 -21.84 -10.51
N ALA B 143 12.72 -20.72 -10.61
CA ALA B 143 12.94 -19.82 -9.49
C ALA B 143 13.32 -18.44 -10.00
N VAL B 144 13.05 -17.42 -9.17
CA VAL B 144 13.39 -16.02 -9.42
C VAL B 144 13.77 -15.42 -8.09
N VAL B 145 14.62 -14.39 -8.12
CA VAL B 145 15.02 -13.66 -6.92
C VAL B 145 14.37 -12.29 -7.06
N PHE B 146 13.84 -11.74 -5.96
CA PHE B 146 13.25 -10.38 -5.99
C PHE B 146 13.60 -9.67 -4.71
N SER B 147 13.54 -8.34 -4.72
CA SER B 147 13.83 -7.48 -3.58
C SER B 147 12.54 -7.46 -2.72
N GLY B 148 12.66 -7.72 -1.43
CA GLY B 148 11.50 -7.90 -0.57
C GLY B 148 10.78 -6.67 -0.07
N MET B 149 11.32 -5.46 -0.29
CA MET B 149 10.68 -4.25 0.21
C MET B 149 9.36 -3.93 -0.53
N PRO B 150 8.26 -3.52 0.14
CA PRO B 150 7.04 -3.17 -0.61
C PRO B 150 7.24 -1.86 -1.42
N PRO B 151 6.40 -1.59 -2.44
CA PRO B 151 6.65 -0.42 -3.31
C PRO B 151 6.08 0.90 -2.81
N TYR B 152 5.61 0.95 -1.55
CA TYR B 152 4.87 2.11 -1.03
C TYR B 152 5.62 3.42 -1.12
N LYS B 153 6.94 3.41 -0.89
CA LYS B 153 7.80 4.59 -0.95
C LYS B 153 7.17 5.69 -0.07
N LEU B 154 7.02 6.91 -0.61
CA LEU B 154 6.47 8.04 0.15
C LEU B 154 5.04 7.78 0.66
N TRP B 155 4.33 6.79 0.07
CA TRP B 155 2.94 6.50 0.46
C TRP B 155 2.86 5.42 1.53
N MET B 156 3.96 5.11 2.20
CA MET B 156 4.04 4.12 3.27
C MET B 156 3.11 4.56 4.40
N ARG B 157 2.25 3.65 4.90
CA ARG B 157 1.38 3.94 6.04
C ARG B 157 2.34 4.02 7.24
N PRO B 158 2.43 5.14 7.97
CA PRO B 158 3.35 5.16 9.11
C PRO B 158 2.82 4.37 10.30
N ALA B 159 3.68 4.09 11.27
CA ALA B 159 3.27 3.43 12.50
C ALA B 159 2.61 4.50 13.38
N ALA B 160 1.94 4.09 14.47
CA ALA B 160 1.29 5.00 15.43
C ALA B 160 2.27 6.03 16.01
N GLU B 161 3.52 5.61 16.25
CA GLU B 161 4.60 6.47 16.76
C GLU B 161 5.90 6.16 16.01
N GLY B 162 6.80 7.13 15.96
CA GLY B 162 8.10 6.95 15.30
C GLY B 162 8.04 6.96 13.79
N VAL B 163 9.22 7.05 13.17
CA VAL B 163 9.29 7.13 11.71
C VAL B 163 9.79 5.83 11.04
N ILE B 164 9.96 4.73 11.79
CA ILE B 164 10.43 3.47 11.16
C ILE B 164 9.31 2.90 10.33
N PRO B 165 9.51 2.59 9.02
CA PRO B 165 8.38 2.06 8.23
C PRO B 165 7.87 0.76 8.87
N PRO B 166 6.57 0.60 9.13
CA PRO B 166 6.12 -0.64 9.77
C PRO B 166 5.99 -1.82 8.80
N TYR B 167 5.94 -1.56 7.46
CA TYR B 167 5.82 -2.60 6.46
C TYR B 167 7.13 -2.71 5.74
N ARG B 168 7.93 -3.70 6.14
CA ARG B 168 9.23 -3.83 5.50
C ARG B 168 9.32 -5.13 4.70
N THR B 169 10.49 -5.83 4.69
CA THR B 169 10.66 -6.98 3.80
C THR B 169 9.85 -8.23 4.22
N ASP B 170 9.49 -8.42 5.51
CA ASP B 170 8.61 -9.57 5.86
C ASP B 170 7.25 -9.30 5.23
N ALA B 171 6.75 -8.06 5.33
CA ALA B 171 5.43 -7.73 4.78
C ALA B 171 5.48 -7.76 3.26
N GLY B 172 6.56 -7.27 2.67
CA GLY B 172 6.69 -7.25 1.23
C GLY B 172 6.61 -8.65 0.62
N CYS B 173 7.34 -9.61 1.21
CA CYS B 173 7.33 -10.99 0.71
C CYS B 173 6.00 -11.63 0.99
N PHE B 174 5.46 -11.41 2.19
CA PHE B 174 4.16 -12.04 2.53
C PHE B 174 3.06 -11.58 1.57
N LEU B 175 2.98 -10.28 1.30
CA LEU B 175 1.90 -9.78 0.45
C LEU B 175 1.97 -10.29 -0.95
N LEU B 176 3.19 -10.56 -1.43
CA LEU B 176 3.38 -11.14 -2.75
C LEU B 176 2.87 -12.59 -2.75
N ALA B 177 3.15 -13.37 -1.68
CA ALA B 177 2.67 -14.75 -1.57
C ALA B 177 1.14 -14.73 -1.61
N GLU B 178 0.57 -13.81 -0.83
CA GLU B 178 -0.85 -13.63 -0.70
C GLU B 178 -1.51 -13.22 -2.02
N GLN B 179 -0.99 -12.18 -2.70
CA GLN B 179 -1.57 -11.68 -3.95
C GLN B 179 -1.53 -12.71 -5.07
N PHE B 180 -0.44 -13.46 -5.16
CA PHE B 180 -0.29 -14.44 -6.24
C PHE B 180 -0.90 -15.81 -5.90
N GLY B 181 -1.50 -15.92 -4.72
CA GLY B 181 -2.17 -17.16 -4.29
C GLY B 181 -1.21 -18.33 -4.17
N CYS B 182 0.00 -18.08 -3.68
CA CYS B 182 1.04 -19.12 -3.53
C CYS B 182 0.69 -20.17 -2.48
N LYS B 183 1.29 -21.36 -2.57
CA LYS B 183 0.90 -22.43 -1.65
C LYS B 183 1.58 -22.37 -0.29
N GLN B 184 2.73 -21.69 -0.20
CA GLN B 184 3.51 -21.69 1.03
C GLN B 184 4.32 -20.40 1.14
N MET B 185 4.57 -19.96 2.38
CA MET B 185 5.38 -18.78 2.70
C MET B 185 6.35 -19.20 3.79
N ILE B 186 7.65 -19.19 3.49
CA ILE B 186 8.68 -19.54 4.44
C ILE B 186 9.62 -18.38 4.72
N PHE B 187 9.76 -18.03 6.01
CA PHE B 187 10.70 -17.01 6.44
C PHE B 187 11.96 -17.68 6.91
N VAL B 188 13.07 -17.38 6.23
CA VAL B 188 14.38 -17.94 6.55
C VAL B 188 15.13 -16.94 7.41
N LYS B 189 15.22 -17.22 8.72
CA LYS B 189 15.90 -16.31 9.67
C LYS B 189 17.08 -17.01 10.34
N ASP B 190 17.49 -16.54 11.52
CA ASP B 190 18.65 -17.09 12.20
C ASP B 190 18.31 -17.65 13.59
N GLU B 191 17.03 -17.92 13.84
CA GLU B 191 16.54 -18.50 15.09
C GLU B 191 15.70 -19.70 14.70
N ASP B 192 15.67 -20.71 15.55
CA ASP B 192 14.90 -21.92 15.24
C ASP B 192 13.43 -21.65 15.04
N GLY B 193 12.94 -20.60 15.65
CA GLY B 193 11.54 -20.23 15.55
C GLY B 193 11.15 -19.34 16.68
N LEU B 194 9.89 -19.37 17.04
CA LEU B 194 9.33 -18.56 18.11
C LEU B 194 9.57 -19.19 19.48
N TYR B 195 9.90 -18.34 20.47
CA TYR B 195 10.09 -18.71 21.87
C TYR B 195 9.20 -17.82 22.73
N THR B 196 8.81 -18.30 23.92
CA THR B 196 7.95 -17.59 24.88
C THR B 196 8.57 -16.24 25.31
N ALA B 197 9.90 -16.15 25.30
CA ALA B 197 10.70 -14.96 25.58
C ALA B 197 11.82 -14.86 24.54
N ASN B 198 12.59 -13.74 24.53
CA ASN B 198 13.68 -13.55 23.57
C ASN B 198 14.80 -14.60 23.77
N PRO B 199 15.18 -15.35 22.70
CA PRO B 199 16.23 -16.38 22.86
C PRO B 199 17.64 -15.83 23.11
N LYS B 200 17.87 -14.56 22.77
CA LYS B 200 19.15 -13.88 22.98
C LYS B 200 19.23 -13.18 24.35
N THR B 201 18.06 -12.98 25.01
CA THR B 201 17.96 -12.32 26.31
C THR B 201 17.74 -13.36 27.44
N SER B 202 16.47 -13.80 27.66
CA SER B 202 16.08 -14.76 28.71
C SER B 202 16.75 -16.13 28.59
N LYS B 203 16.84 -16.83 29.74
CA LYS B 203 17.47 -18.15 29.86
C LYS B 203 16.47 -19.31 29.77
N ASP B 204 15.25 -19.14 30.34
CA ASP B 204 14.25 -20.22 30.32
C ASP B 204 13.08 -19.97 29.34
N ALA B 205 13.40 -19.47 28.14
CA ALA B 205 12.43 -19.24 27.06
C ALA B 205 12.16 -20.61 26.40
N THR B 206 10.88 -21.02 26.35
CA THR B 206 10.49 -22.30 25.75
C THR B 206 10.12 -22.13 24.26
N PHE B 207 10.45 -23.13 23.45
CA PHE B 207 10.18 -23.14 22.02
C PHE B 207 8.71 -23.38 21.75
N ILE B 208 8.16 -22.69 20.74
CA ILE B 208 6.74 -22.85 20.34
C ILE B 208 6.70 -23.43 18.91
N PRO B 209 6.28 -24.70 18.70
CA PRO B 209 6.26 -25.24 17.32
C PRO B 209 5.11 -24.74 16.46
N ARG B 210 4.00 -24.40 17.08
CA ARG B 210 2.80 -23.97 16.37
C ARG B 210 2.00 -23.00 17.22
N ILE B 211 1.53 -21.91 16.62
CA ILE B 211 0.73 -20.90 17.31
C ILE B 211 -0.15 -20.13 16.32
N SER B 212 -1.30 -19.61 16.77
CA SER B 212 -2.18 -18.78 15.96
C SER B 212 -1.87 -17.34 16.29
N VAL B 213 -2.17 -16.42 15.38
CA VAL B 213 -1.95 -14.98 15.60
C VAL B 213 -2.64 -14.50 16.91
N ASP B 214 -3.92 -14.93 17.14
CA ASP B 214 -4.70 -14.60 18.34
C ASP B 214 -3.95 -14.97 19.62
N GLU B 215 -3.41 -16.22 19.70
CA GLU B 215 -2.65 -16.71 20.84
C GLU B 215 -1.37 -15.91 21.05
N MET B 216 -0.68 -15.52 19.96
CA MET B 216 0.53 -14.69 20.04
C MET B 216 0.22 -13.33 20.65
N LYS B 217 -0.92 -12.73 20.25
CA LYS B 217 -1.38 -11.43 20.74
C LYS B 217 -1.79 -11.53 22.21
N ALA B 218 -2.59 -12.59 22.55
CA ALA B 218 -3.08 -12.88 23.91
C ALA B 218 -1.95 -13.13 24.90
N LYS B 219 -0.86 -13.78 24.45
CA LYS B 219 0.29 -14.09 25.30
C LYS B 219 1.33 -12.97 25.32
N GLY B 220 1.05 -11.88 24.59
CA GLY B 220 1.89 -10.69 24.50
C GLY B 220 3.36 -11.04 24.27
N LEU B 221 3.64 -11.69 23.14
CA LEU B 221 4.98 -12.17 22.82
C LEU B 221 5.98 -11.06 22.48
N HIS B 222 7.17 -11.14 23.11
CA HIS B 222 8.30 -10.22 22.94
C HIS B 222 9.27 -10.77 21.87
N ASP B 223 8.71 -11.33 20.79
CA ASP B 223 9.49 -11.91 19.70
C ASP B 223 9.41 -11.08 18.42
N SER B 224 10.53 -10.39 18.14
CA SER B 224 10.74 -9.52 16.98
C SER B 224 11.20 -10.36 15.77
N ILE B 225 10.90 -11.69 15.77
CA ILE B 225 11.28 -12.58 14.68
C ILE B 225 10.50 -12.20 13.40
N LEU B 226 9.22 -11.83 13.56
CA LEU B 226 8.38 -11.38 12.48
C LEU B 226 7.87 -9.97 12.72
N GLU B 227 7.92 -9.10 11.67
CA GLU B 227 7.35 -7.76 11.76
C GLU B 227 5.87 -7.92 12.27
N PHE B 228 5.51 -7.30 13.41
CA PHE B 228 4.16 -7.40 14.00
C PHE B 228 3.01 -7.06 13.02
N PRO B 229 3.12 -6.03 12.13
CA PRO B 229 2.05 -5.82 11.13
C PRO B 229 1.81 -7.01 10.19
N VAL B 230 2.80 -7.93 10.02
CA VAL B 230 2.62 -9.14 9.17
C VAL B 230 1.57 -10.08 9.77
N LEU B 231 1.48 -10.12 11.11
CA LEU B 231 0.50 -10.95 11.82
C LEU B 231 -0.93 -10.51 11.53
N ASP B 232 -1.17 -9.18 11.38
CA ASP B 232 -2.50 -8.65 11.07
C ASP B 232 -2.81 -8.90 9.63
N LEU B 233 -1.80 -8.84 8.75
CA LEU B 233 -2.01 -9.13 7.33
C LEU B 233 -2.36 -10.60 7.17
N LEU B 234 -1.71 -11.47 7.95
CA LEU B 234 -1.96 -12.90 7.93
C LEU B 234 -3.39 -13.22 8.31
N GLN B 235 -3.95 -12.48 9.29
CA GLN B 235 -5.35 -12.70 9.72
C GLN B 235 -6.39 -12.30 8.70
N SER B 236 -6.05 -11.38 7.78
CA SER B 236 -6.96 -10.89 6.74
C SER B 236 -6.77 -11.60 5.41
N ALA B 237 -5.69 -12.40 5.29
CA ALA B 237 -5.30 -13.10 4.06
C ALA B 237 -6.35 -14.06 3.54
N GLN B 238 -6.46 -14.15 2.22
CA GLN B 238 -7.41 -15.04 1.56
C GLN B 238 -6.75 -16.32 1.13
N HIS B 239 -5.45 -16.27 0.80
CA HIS B 239 -4.76 -17.40 0.22
C HIS B 239 -3.75 -18.07 1.09
N VAL B 240 -2.90 -17.30 1.77
CA VAL B 240 -1.84 -17.82 2.62
C VAL B 240 -2.29 -17.65 4.06
N ARG B 241 -2.79 -18.75 4.67
CA ARG B 241 -3.35 -18.71 6.02
C ARG B 241 -2.39 -19.19 7.09
N GLU B 242 -1.17 -19.55 6.70
CA GLU B 242 -0.12 -19.95 7.63
C GLU B 242 1.25 -19.65 7.08
N VAL B 243 2.21 -19.42 7.97
CA VAL B 243 3.60 -19.14 7.57
C VAL B 243 4.52 -20.01 8.42
N GLN B 244 5.72 -20.27 7.93
CA GLN B 244 6.68 -21.06 8.65
C GLN B 244 7.95 -20.25 8.79
N VAL B 245 8.50 -20.24 9.99
CA VAL B 245 9.73 -19.52 10.29
C VAL B 245 10.76 -20.60 10.51
N VAL B 246 11.86 -20.57 9.76
CA VAL B 246 12.90 -21.59 9.92
C VAL B 246 14.25 -20.93 10.12
N ASN B 247 15.22 -21.68 10.69
CA ASN B 247 16.57 -21.18 10.91
C ASN B 247 17.36 -21.57 9.66
N GLY B 248 17.80 -20.58 8.88
CA GLY B 248 18.55 -20.83 7.66
C GLY B 248 20.01 -21.16 7.89
N LEU B 249 20.47 -21.04 9.15
CA LEU B 249 21.85 -21.34 9.54
C LEU B 249 22.08 -22.82 9.81
N VAL B 250 21.00 -23.60 9.87
CA VAL B 250 21.05 -25.05 10.07
C VAL B 250 21.06 -25.69 8.69
N PRO B 251 22.11 -26.45 8.31
CA PRO B 251 22.14 -27.06 6.98
C PRO B 251 20.95 -27.95 6.65
N GLY B 252 20.37 -27.74 5.48
CA GLY B 252 19.23 -28.50 4.98
C GLY B 252 17.88 -28.11 5.53
N ASN B 253 17.79 -27.08 6.40
CA ASN B 253 16.52 -26.66 7.00
C ASN B 253 15.50 -26.16 5.98
N LEU B 254 15.94 -25.39 4.98
CA LEU B 254 15.02 -24.93 3.94
C LEU B 254 14.55 -26.11 3.09
N THR B 255 15.46 -27.03 2.74
CA THR B 255 15.12 -28.25 2.00
C THR B 255 14.06 -29.07 2.77
N ARG B 256 14.25 -29.20 4.08
CA ARG B 256 13.32 -29.94 4.95
C ARG B 256 11.96 -29.29 5.00
N ALA B 257 11.94 -27.94 5.14
CA ALA B 257 10.66 -27.22 5.18
C ALA B 257 9.89 -27.39 3.88
N LEU B 258 10.57 -27.35 2.73
CA LEU B 258 9.94 -27.54 1.41
C LEU B 258 9.43 -28.95 1.24
N ALA B 259 10.03 -29.91 1.97
CA ALA B 259 9.61 -31.32 1.91
C ALA B 259 8.44 -31.61 2.86
N GLY B 260 7.95 -30.62 3.57
CA GLY B 260 6.82 -30.81 4.47
C GLY B 260 7.20 -31.13 5.92
N GLU B 261 8.49 -31.11 6.24
CA GLU B 261 8.92 -31.36 7.63
C GLU B 261 8.56 -30.17 8.49
N HIS B 262 8.13 -30.43 9.74
CA HIS B 262 7.73 -29.35 10.62
C HIS B 262 8.89 -28.77 11.41
N VAL B 263 9.93 -28.36 10.70
CA VAL B 263 11.08 -27.68 11.30
C VAL B 263 10.62 -26.24 11.64
N GLY B 264 11.17 -25.67 12.67
CA GLY B 264 10.79 -24.31 13.05
C GLY B 264 9.38 -24.13 13.57
N THR B 265 8.86 -22.89 13.50
CA THR B 265 7.52 -22.55 14.00
C THR B 265 6.56 -22.29 12.85
N ILE B 266 5.32 -22.81 12.98
CA ILE B 266 4.22 -22.55 12.07
C ILE B 266 3.27 -21.55 12.75
N ILE B 267 3.03 -20.40 12.10
CA ILE B 267 2.13 -19.37 12.64
C ILE B 267 0.88 -19.43 11.77
N THR B 268 -0.28 -19.63 12.39
CA THR B 268 -1.53 -19.77 11.63
C THR B 268 -2.39 -18.53 11.83
N ALA B 269 -3.22 -18.21 10.84
CA ALA B 269 -4.13 -17.06 10.90
C ALA B 269 -5.19 -17.24 11.97
N SER B 270 -5.71 -18.48 12.13
CA SER B 270 -6.72 -18.78 13.14
C SER B 270 -6.43 -20.08 13.90
PG ATP C . -12.72 8.59 -6.67
O1G ATP C . -12.35 7.62 -7.73
O2G ATP C . -12.02 9.89 -6.87
O3G ATP C . -12.57 8.06 -5.27
PB ATP C . -15.17 10.10 -6.35
O1B ATP C . -14.67 10.60 -5.04
O2B ATP C . -15.29 11.16 -7.36
O3B ATP C . -14.26 8.91 -6.89
PA ATP C . -17.20 8.53 -4.98
O1A ATP C . -16.96 7.11 -5.25
O2A ATP C . -16.71 9.06 -3.64
O3A ATP C . -16.58 9.39 -6.16
O5' ATP C . -18.65 9.02 -5.14
C5' ATP C . -19.12 10.21 -4.50
C4' ATP C . -20.52 9.80 -4.12
O4' ATP C . -20.53 9.14 -2.84
C3' ATP C . -21.52 10.93 -3.94
O3' ATP C . -21.94 11.36 -5.23
C2' ATP C . -22.62 10.26 -3.10
O2' ATP C . -23.61 9.72 -3.96
C1' ATP C . -21.88 9.07 -2.45
N9 ATP C . -21.99 8.96 -1.00
C8 ATP C . -22.11 7.78 -0.31
N7 ATP C . -22.25 7.94 0.98
C5 ATP C . -22.23 9.32 1.17
C6 ATP C . -22.32 10.12 2.32
N6 ATP C . -22.47 9.65 3.55
N1 ATP C . -22.21 11.46 2.14
C2 ATP C . -22.03 11.95 0.91
N3 ATP C . -21.93 11.28 -0.24
C4 ATP C . -22.05 9.96 -0.05
MG MG D . -15.06 10.42 -3.13
O1 8M0 E . -1.35 7.79 -16.06
MO1 8M0 E . -0.67 6.23 -15.33
O2 8M0 E . -1.60 4.72 -16.00
MO2 8M0 E . -1.16 5.17 -12.26
O3 8M0 E . 0.91 5.79 -16.49
MO3 8M0 E . 2.29 7.20 -16.18
O4 8M0 E . 0.98 7.43 -14.53
MO4 8M0 E . 1.78 6.74 -12.86
O5 8M0 E . 0.13 5.29 -13.66
MO5 8M0 E . 0.70 2.81 -10.01
O6 8M0 E . -2.11 3.66 -12.77
MO6 8M0 E . 4.42 5.02 -13.78
O7 8M0 E . 0.13 6.67 -11.71
MO7 8M0 E . 3.88 3.68 -10.86
O8 8M0 E . -1.97 5.82 -10.73
MO8 8M0 E . 1.42 3.35 -13.33
O9 8M0 E . 3.56 6.59 -17.40
O11 8M0 E . 2.79 4.90 -12.30
O12 8M0 E . 2.89 7.99 -12.11
O13 8M0 E . -0.46 3.44 -8.64
O14 8M0 E . 2.33 3.93 -9.64
O15 8M0 E . -0.26 1.47 -10.95
O16 8M0 E . 2.14 2.67 -11.63
O17 8M0 E . 4.94 3.51 -12.56
O18 8M0 E . 5.25 4.34 -15.29
O19 8M0 E . 5.74 6.15 -13.13
O20 8M0 E . 2.98 3.56 -14.60
O21 8M0 E . 4.97 4.92 -10.00
O22 8M0 E . -0.05 2.10 -13.47
O23 8M0 E . 4.82 2.20 -10.12
O24 8M0 E . -1.73 6.44 -13.66
O25 8M0 E . 0.52 4.13 -11.61
O26 8M0 E . 2.61 5.83 -14.55
O27 8M0 E . 1.71 8.67 -17.18
O1 M10 F . 8.83 15.03 -14.80
O4 M10 F . 11.07 18.40 -15.81
MO1 M10 F . 10.08 16.45 -15.14
O5 M10 F . 11.56 15.68 -14.08
O6 M10 F . 8.97 17.95 -15.44
O12 M10 F . 8.81 16.50 -16.63
MO MO G . 10.23 8.04 -17.35
MO MO H . 10.24 8.90 -14.34
MO MO I . 9.06 9.65 -17.09
MO MO J . 12.27 10.67 -16.39
MO MO K . 10.87 3.46 -9.93
MO MO L . -0.05 -4.35 -13.82
MO MO M . 2.08 -3.41 -11.41
MO MO N . 1.66 -5.78 -16.49
O1 8M0 O . 5.56 0.41 -8.03
MO1 8M0 O . 5.96 -1.40 -8.45
O2 8M0 O . 5.27 -1.55 -10.21
MO2 8M0 O . 4.28 -4.06 -7.34
O3 8M0 O . 7.89 -1.18 -9.01
MO3 8M0 O . 9.14 -0.96 -7.43
O4 8M0 O . 7.31 -1.69 -6.74
MO4 8M0 O . 7.57 -3.54 -6.13
O5 8M0 O . 6.01 -3.40 -7.82
MO5 8M0 O . 5.24 -7.86 -7.52
O6 8M0 O . 3.26 -4.17 -8.94
MO6 8M0 O . 10.01 -4.71 -7.82
O7 8M0 O . 5.62 -4.00 -5.81
MO7 8M0 O . 8.45 -7.43 -6.76
O8 8M0 O . 3.11 -4.40 -5.93
MO8 8M0 O . 6.83 -5.27 -9.02
O9 8M0 O . 10.18 -2.00 -8.62
O10 8M0 O . 8.76 0.86 -7.26
O11 8M0 O . 8.05 -5.36 -7.07
O12 8M0 O . 8.29 -3.43 -4.38
O13 8M0 O . 3.86 -8.05 -6.26
O14 8M0 O . 6.58 -7.50 -6.04
O15 8M0 O . 4.42 -7.60 -9.23
O16 8M0 O . 7.10 -7.17 -8.46
O17 8M0 O . 9.70 -6.69 -8.18
O18 8M0 O . 11.09 -4.38 -9.33
O19 8M0 O . 11.38 -4.58 -6.51
O20 8M0 O . 8.74 -4.91 -9.59
O21 8M0 O . 9.18 -7.03 -5.07
O22 8M0 O . 6.02 -5.31 -10.75
O23 8M0 O . 8.87 -9.05 -7.62
O24 8M0 O . 4.43 -2.06 -7.31
O25 8M0 O . 5.46 -5.77 -7.51
O26 8M0 O . 8.74 -3.03 -7.80
O27 8M0 O . 10.13 -0.68 -5.86
O28 8M0 O . 5.64 -9.68 -7.94
MO MO P . 14.87 -0.31 -9.26
MO MO Q . 13.74 2.28 -8.05
MO MO R . 10.51 0.92 -12.33
MO MO S . 13.02 -1.15 -12.26
MO MO T . 11.71 -0.28 -9.32
MO MO U . 12.87 -9.31 -16.27
MO MO V . 11.80 -7.36 -18.63
MO MO W . 13.04 -12.57 -17.02
MO MO X . 12.18 -14.17 -20.53
MO MO Y . 12.94 -10.53 -19.80
MO MO Z . 4.33 -6.86 -13.38
MO MO AA . 4.77 -4.43 -15.47
MO MO BA . 3.61 -7.59 -16.17
MO MO CA . 13.57 2.01 -11.33
#